data_1NH2
#
_entry.id   1NH2
#
_cell.length_a   59.010
_cell.length_b   92.020
_cell.length_c   117.017
_cell.angle_alpha   90.00
_cell.angle_beta   90.00
_cell.angle_gamma   90.00
#
_symmetry.space_group_name_H-M   'P 21 21 21'
#
loop_
_entity.id
_entity.type
_entity.pdbx_description
1 polymer "5'-D(*TP*GP*TP*AP*(5IU)P*GP*TP*AP*TP*AP*(5IU)P*AP*AP*AP*AP*C)-3'"
2 polymer "5'-D(*GP*TP*TP*TP*TP*AP*TP*AP*TP*AP*CP*AP*TP*AP*CP*A)-3'"
3 polymer 'Transcription initiation factor TFIID'
4 polymer 'Transcription initiation factor IIA large chain'
5 polymer 'Transcription initiation factor IIA large chain'
6 polymer 'Transcription initiation factor IIA small chain'
7 water water
#
loop_
_entity_poly.entity_id
_entity_poly.type
_entity_poly.pdbx_seq_one_letter_code
_entity_poly.pdbx_strand_id
1 'polydeoxyribonucleotide' (DT)(DG)(DT)(DA)(5IU)(DG)(DT)(DA)(DT)(DA)(5IU)(DA)(DA)(DA)(DA)(DC) E
2 'polydeoxyribonucleotide' (DG)(DT)(DT)(DT)(DT)(DA)(DT)(DA)(DT)(DA)(DC)(DA)(DT)(DA)(DC)(DA) F
3 'polypeptide(L)'
;SGIVPTLQNIVATVTLGCRLDLKTVALHARNAEYNPKRFAAVIMRIREPKTTALIFASGKMVVTGAKSEDDSKLASRKYA
RIIQKIGFAAKFTDFKIQNIVGSCDVKFPIRLEGLAFSHGTFSSYEPELFPGLIYRMVKPKIVLLIFVSGKIVLTGAKQR
EEIYQAFEAIYPVLSEFRKM
;
A
4 'polypeptide(L)' SNAEASRVYEIIVESVVNEVREDFENAGIDEQTLQDLKNIWQKKLTETKVTTF B
5 'polypeptide(L)' GSSALLDTDEVGSELDDSDDDYLISEGEEDGPDENLMLCLYDKVTRTKARWKCSLKDGVVTINRNDYTFQKAQVEAEWV C
6 'polypeptide(L)'
;AVPGYYELYRRSTIGNSLVDALDTLISDGRIEASLAMRVLETFDKVVAETLKDNTQSKLTVKGNLDTYGFCDDVWTFIVK
NCQVTVEDSHRDASQNGSGDSQSVISVDKLRIVACNSKKSE
;
D
#
loop_
_chem_comp.id
_chem_comp.type
_chem_comp.name
_chem_comp.formula
5IU DNA linking 5-IODO-2'-DEOXYURIDINE-5'-MONOPHOSPHATE 'C9 H12 I N2 O8 P'
DA DNA linking 2'-DEOXYADENOSINE-5'-MONOPHOSPHATE 'C10 H14 N5 O6 P'
DC DNA linking 2'-DEOXYCYTIDINE-5'-MONOPHOSPHATE 'C9 H14 N3 O7 P'
DG DNA linking 2'-DEOXYGUANOSINE-5'-MONOPHOSPHATE 'C10 H14 N5 O7 P'
DT DNA linking THYMIDINE-5'-MONOPHOSPHATE 'C10 H15 N2 O8 P'
#
# COMPACT_ATOMS: atom_id res chain seq x y z
N1 5IU A 5 12.43 -16.03 -3.44
C2 5IU A 5 12.14 -17.23 -2.86
N3 5IU A 5 13.21 -17.99 -2.51
C4 5IU A 5 14.54 -17.69 -2.67
C5 5IU A 5 14.78 -16.39 -3.28
C6 5IU A 5 13.73 -15.62 -3.63
O2 5IU A 5 10.99 -17.59 -2.67
O4 5IU A 5 15.38 -18.51 -2.33
I5 5IU A 5 16.31 -15.88 -3.52
C1' 5IU A 5 11.24 -15.27 -3.88
C2' 5IU A 5 10.64 -14.13 -3.08
C3' 5IU A 5 10.49 -13.00 -4.07
C4' 5IU A 5 10.57 -13.69 -5.44
O3' 5IU A 5 9.10 -12.64 -3.91
O4' 5IU A 5 11.39 -14.86 -5.22
C5' 5IU A 5 11.21 -12.81 -6.48
O5' 5IU A 5 12.53 -12.42 -6.09
P 5IU A 5 13.48 -11.67 -7.13
OP1 5IU A 5 12.68 -10.54 -7.66
OP2 5IU A 5 14.80 -11.41 -6.52
N1 5IU A 11 18.35 -7.29 16.41
C2 5IU A 11 18.65 -6.53 15.29
N3 5IU A 11 17.82 -6.72 14.22
C4 5IU A 11 16.71 -7.59 14.13
C5 5IU A 11 16.40 -8.33 15.36
C6 5IU A 11 17.22 -8.14 16.43
O2 5IU A 11 19.59 -5.74 15.27
O4 5IU A 11 16.11 -7.65 13.08
I5 5IU A 11 15.05 -9.45 15.43
C1' 5IU A 11 19.28 -7.18 17.54
C2' 5IU A 11 18.78 -6.49 18.81
C3' 5IU A 11 18.66 -7.61 19.83
C4' 5IU A 11 19.63 -8.67 19.36
O3' 5IU A 11 19.15 -7.10 21.06
O4' 5IU A 11 19.70 -8.50 17.91
C5' 5IU A 11 19.18 -10.06 19.72
O5' 5IU A 11 17.76 -10.16 19.59
P 5IU A 11 16.97 -11.45 20.11
OP1 5IU A 11 17.20 -11.61 21.56
OP2 5IU A 11 15.57 -11.32 19.59
N SER C 1 41.35 1.97 14.33
CA SER C 1 41.28 1.50 12.92
C SER C 1 40.99 2.64 11.95
N GLY C 2 40.99 2.33 10.66
CA GLY C 2 40.70 3.32 9.63
C GLY C 2 39.36 2.97 9.04
N ILE C 3 38.61 2.17 9.78
CA ILE C 3 37.29 1.73 9.37
C ILE C 3 36.28 2.47 10.24
N VAL C 4 35.28 3.08 9.60
CA VAL C 4 34.25 3.79 10.35
C VAL C 4 32.89 3.22 9.98
N PRO C 5 32.12 2.75 10.99
CA PRO C 5 30.79 2.20 10.71
C PRO C 5 29.92 3.18 9.93
N THR C 6 29.09 2.62 9.04
CA THR C 6 28.17 3.39 8.21
C THR C 6 26.83 3.40 8.95
N LEU C 7 26.21 4.57 9.13
CA LEU C 7 24.91 4.60 9.81
C LEU C 7 23.85 4.10 8.83
N GLN C 8 22.96 3.23 9.30
CA GLN C 8 21.96 2.62 8.45
C GLN C 8 20.50 2.89 8.77
N ASN C 9 20.21 3.16 10.04
CA ASN C 9 18.83 3.36 10.47
C ASN C 9 18.82 4.15 11.77
N ILE C 10 17.90 5.12 11.84
CA ILE C 10 17.75 5.94 13.03
C ILE C 10 16.26 6.04 13.31
N VAL C 11 15.91 5.78 14.56
CA VAL C 11 14.53 5.80 15.02
C VAL C 11 14.40 6.94 16.00
N ALA C 12 13.35 7.75 15.82
CA ALA C 12 13.12 8.90 16.68
C ALA C 12 11.64 8.99 17.07
N THR C 13 11.38 9.67 18.18
CA THR C 13 10.01 9.88 18.62
C THR C 13 9.77 11.37 18.64
N VAL C 14 8.51 11.76 18.47
CA VAL C 14 8.08 13.14 18.43
C VAL C 14 6.70 13.25 19.08
N THR C 15 6.44 14.33 19.81
CA THR C 15 5.11 14.54 20.41
C THR C 15 4.44 15.68 19.64
N LEU C 16 3.31 15.41 19.00
CA LEU C 16 2.60 16.43 18.24
C LEU C 16 1.73 17.33 19.13
N GLY C 17 1.40 16.84 20.33
CA GLY C 17 0.64 17.65 21.27
C GLY C 17 -0.87 17.78 21.12
N CYS C 18 -1.48 16.96 20.29
CA CYS C 18 -2.93 17.03 20.10
C CYS C 18 -3.40 15.63 19.75
N ARG C 19 -4.67 15.33 20.03
CA ARG C 19 -5.15 14.01 19.67
C ARG C 19 -5.48 14.06 18.19
N LEU C 20 -5.43 12.90 17.54
CA LEU C 20 -5.67 12.83 16.12
C LEU C 20 -6.76 11.81 15.79
N ASP C 21 -7.55 12.11 14.76
CA ASP C 21 -8.56 11.17 14.29
C ASP C 21 -7.79 10.46 13.18
N LEU C 22 -7.39 9.22 13.40
CA LEU C 22 -6.60 8.47 12.42
C LEU C 22 -7.26 8.20 11.09
N LYS C 23 -8.58 8.02 11.08
CA LYS C 23 -9.27 7.80 9.82
C LYS C 23 -9.19 9.09 8.99
N THR C 24 -9.36 10.24 9.64
CA THR C 24 -9.26 11.51 8.91
C THR C 24 -7.87 11.69 8.31
N VAL C 25 -6.85 11.35 9.09
CA VAL C 25 -5.47 11.47 8.60
C VAL C 25 -5.29 10.58 7.38
N ALA C 26 -5.75 9.34 7.46
CA ALA C 26 -5.58 8.40 6.34
C ALA C 26 -6.33 8.83 5.08
N LEU C 27 -7.48 9.46 5.27
CA LEU C 27 -8.28 9.88 4.14
C LEU C 27 -7.78 11.16 3.47
N HIS C 28 -6.86 11.87 4.13
CA HIS C 28 -6.35 13.12 3.55
C HIS C 28 -4.87 13.14 3.21
N ALA C 29 -4.12 12.20 3.74
CA ALA C 29 -2.69 12.17 3.46
C ALA C 29 -2.40 11.07 2.43
N ARG C 30 -1.52 11.36 1.47
CA ARG C 30 -1.15 10.35 0.48
C ARG C 30 -0.17 9.37 1.14
N ASN C 31 -0.05 8.18 0.58
CA ASN C 31 0.87 7.14 1.09
C ASN C 31 0.68 6.81 2.55
N ALA C 32 -0.58 6.64 2.92
CA ALA C 32 -0.93 6.35 4.30
C ALA C 32 -1.79 5.11 4.42
N GLU C 33 -1.53 4.31 5.46
CA GLU C 33 -2.31 3.12 5.69
C GLU C 33 -2.92 3.19 7.07
N TYR C 34 -4.21 2.90 7.18
CA TYR C 34 -4.83 2.84 8.49
C TYR C 34 -5.68 1.56 8.51
N ASN C 35 -5.20 0.56 9.23
CA ASN C 35 -5.91 -0.72 9.37
C ASN C 35 -5.86 -1.04 10.86
N PRO C 36 -6.87 -0.57 11.61
CA PRO C 36 -6.95 -0.80 13.06
C PRO C 36 -7.00 -2.24 13.54
N LYS C 37 -7.35 -3.14 12.62
CA LYS C 37 -7.38 -4.57 12.93
C LYS C 37 -5.94 -5.06 12.99
N ARG C 38 -5.04 -4.35 12.32
CA ARG C 38 -3.62 -4.74 12.31
C ARG C 38 -2.74 -4.01 13.29
N PHE C 39 -2.96 -2.70 13.42
CA PHE C 39 -2.12 -1.89 14.29
C PHE C 39 -2.84 -0.55 14.48
N ALA C 40 -2.95 -0.08 15.72
CA ALA C 40 -3.65 1.17 16.02
C ALA C 40 -2.82 2.40 15.71
N ALA C 41 -2.58 2.64 14.43
CA ALA C 41 -1.82 3.80 14.03
C ALA C 41 -1.89 4.00 12.52
N VAL C 42 -1.58 5.21 12.09
CA VAL C 42 -1.51 5.46 10.66
C VAL C 42 -0.03 5.21 10.31
N ILE C 43 0.23 4.45 9.25
CA ILE C 43 1.59 4.20 8.81
C ILE C 43 1.68 5.09 7.57
N MET C 44 2.65 6.01 7.55
CA MET C 44 2.81 6.93 6.43
C MET C 44 4.25 6.96 5.94
N ARG C 45 4.46 7.16 4.64
CA ARG C 45 5.83 7.24 4.13
C ARG C 45 6.03 8.45 3.24
N ILE C 46 7.26 8.94 3.22
CA ILE C 46 7.64 10.04 2.34
C ILE C 46 8.91 9.58 1.64
N ARG C 47 9.15 10.13 0.45
CA ARG C 47 10.31 9.73 -0.32
C ARG C 47 11.60 10.42 0.09
N GLU C 48 11.48 11.60 0.68
CA GLU C 48 12.67 12.38 1.01
C GLU C 48 12.54 13.25 2.25
N PRO C 49 13.27 12.93 3.33
CA PRO C 49 14.22 11.81 3.45
C PRO C 49 13.38 10.54 3.47
N LYS C 50 13.87 9.47 2.84
CA LYS C 50 13.15 8.20 2.73
C LYS C 50 12.95 7.59 4.12
N THR C 51 11.72 7.64 4.62
CA THR C 51 11.39 7.18 5.97
C THR C 51 9.96 6.66 6.06
N THR C 52 9.63 6.08 7.21
CA THR C 52 8.28 5.59 7.49
C THR C 52 7.92 6.10 8.88
N ALA C 53 6.73 6.66 9.01
CA ALA C 53 6.25 7.17 10.29
C ALA C 53 5.09 6.33 10.80
N LEU C 54 5.02 6.18 12.12
CA LEU C 54 3.90 5.50 12.80
C LEU C 54 3.24 6.68 13.55
N ILE C 55 1.99 6.98 13.23
CA ILE C 55 1.28 8.12 13.83
C ILE C 55 0.10 7.64 14.66
N PHE C 56 0.12 8.01 15.94
CA PHE C 56 -0.90 7.52 16.87
C PHE C 56 -1.99 8.52 17.23
N ALA C 57 -3.12 7.99 17.69
CA ALA C 57 -4.28 8.81 18.05
C ALA C 57 -3.94 9.83 19.15
N SER C 58 -2.98 9.48 19.98
CA SER C 58 -2.53 10.33 21.08
C SER C 58 -1.70 11.51 20.59
N GLY C 59 -1.32 11.50 19.31
CA GLY C 59 -0.51 12.58 18.78
C GLY C 59 0.98 12.24 18.86
N LYS C 60 1.31 11.10 19.46
CA LYS C 60 2.70 10.66 19.54
C LYS C 60 3.06 10.07 18.17
N MET C 61 4.34 10.19 17.80
CA MET C 61 4.77 9.67 16.51
C MET C 61 6.17 9.04 16.60
N VAL C 62 6.39 8.03 15.78
CA VAL C 62 7.68 7.35 15.70
C VAL C 62 8.08 7.48 14.22
N VAL C 63 9.33 7.88 13.96
CA VAL C 63 9.82 8.03 12.58
C VAL C 63 11.02 7.11 12.44
N THR C 64 10.99 6.25 11.42
CA THR C 64 12.05 5.27 11.21
C THR C 64 12.71 5.31 9.84
N GLY C 65 13.86 4.68 9.73
CA GLY C 65 14.54 4.59 8.44
C GLY C 65 15.51 5.67 8.00
N ALA C 66 15.68 6.72 8.82
CA ALA C 66 16.59 7.80 8.45
C ALA C 66 18.03 7.32 8.60
N LYS C 67 18.96 7.89 7.84
CA LYS C 67 20.37 7.48 7.95
C LYS C 67 21.27 8.52 8.62
N SER C 68 20.71 9.68 8.94
CA SER C 68 21.48 10.71 9.65
C SER C 68 20.58 11.42 10.64
N GLU C 69 21.17 12.08 11.63
CA GLU C 69 20.38 12.80 12.63
C GLU C 69 19.59 13.92 11.95
N ASP C 70 20.24 14.59 11.00
CA ASP C 70 19.61 15.69 10.28
C ASP C 70 18.38 15.21 9.52
N ASP C 71 18.52 14.11 8.79
CA ASP C 71 17.42 13.54 8.03
C ASP C 71 16.30 13.07 8.94
N SER C 72 16.64 12.52 10.09
CA SER C 72 15.65 12.05 11.04
C SER C 72 14.76 13.23 11.48
N LYS C 73 15.40 14.34 11.83
CA LYS C 73 14.63 15.49 12.26
C LYS C 73 13.86 16.15 11.12
N LEU C 74 14.48 16.25 9.95
N LEU C 74 14.48 16.24 9.95
CA LEU C 74 13.80 16.87 8.82
CA LEU C 74 13.84 16.86 8.78
C LEU C 74 12.56 16.06 8.46
C LEU C 74 12.62 16.07 8.30
N ALA C 75 12.71 14.75 8.38
CA ALA C 75 11.59 13.88 8.01
C ALA C 75 10.48 14.06 9.03
N SER C 76 10.84 14.05 10.31
CA SER C 76 9.87 14.21 11.38
C SER C 76 9.12 15.54 11.25
N ARG C 77 9.83 16.61 10.93
CA ARG C 77 9.17 17.91 10.76
C ARG C 77 8.19 17.86 9.57
N LYS C 78 8.58 17.13 8.52
N LYS C 78 8.57 17.16 8.50
CA LYS C 78 7.74 17.02 7.33
CA LYS C 78 7.68 17.07 7.35
C LYS C 78 6.43 16.30 7.63
C LYS C 78 6.38 16.35 7.71
N TYR C 79 6.49 15.24 8.43
CA TYR C 79 5.27 14.49 8.82
C TYR C 79 4.39 15.41 9.68
N ALA C 80 5.03 16.14 10.59
CA ALA C 80 4.29 17.07 11.44
C ALA C 80 3.53 18.11 10.58
N ARG C 81 4.19 18.65 9.55
CA ARG C 81 3.57 19.65 8.68
C ARG C 81 2.39 19.08 7.90
N ILE C 82 2.53 17.83 7.46
CA ILE C 82 1.46 17.17 6.72
C ILE C 82 0.21 17.07 7.61
N ILE C 83 0.43 16.67 8.87
CA ILE C 83 -0.66 16.52 9.83
C ILE C 83 -1.28 17.88 10.11
N GLN C 84 -0.42 18.88 10.29
CA GLN C 84 -0.87 20.25 10.54
C GLN C 84 -1.75 20.72 9.39
N LYS C 85 -1.29 20.50 8.15
CA LYS C 85 -2.03 20.91 6.97
C LYS C 85 -3.39 20.26 6.81
N ILE C 86 -3.55 19.07 7.39
CA ILE C 86 -4.81 18.37 7.31
C ILE C 86 -5.80 19.08 8.23
N GLY C 87 -5.28 19.87 9.17
CA GLY C 87 -6.16 20.62 10.06
C GLY C 87 -6.00 20.39 11.55
N PHE C 88 -5.03 19.58 11.95
CA PHE C 88 -4.83 19.30 13.37
C PHE C 88 -3.87 20.30 14.02
N ALA C 89 -4.08 20.57 15.31
CA ALA C 89 -3.23 21.51 16.05
C ALA C 89 -1.93 20.82 16.46
N ALA C 90 -1.21 20.30 15.47
CA ALA C 90 0.04 19.59 15.71
C ALA C 90 1.23 20.53 15.86
N LYS C 91 2.06 20.23 16.86
CA LYS C 91 3.26 21.02 17.12
C LYS C 91 4.44 20.05 16.99
N PHE C 92 5.66 20.56 17.09
CA PHE C 92 6.84 19.69 16.98
C PHE C 92 7.61 19.76 18.28
N THR C 93 7.25 18.90 19.23
CA THR C 93 7.91 18.93 20.53
C THR C 93 8.55 17.63 20.99
N ASP C 94 9.57 17.78 21.82
CA ASP C 94 10.31 16.65 22.37
C ASP C 94 10.85 15.68 21.33
N PHE C 95 11.41 16.21 20.25
CA PHE C 95 12.01 15.32 19.25
C PHE C 95 13.17 14.61 19.94
N LYS C 96 13.24 13.30 19.80
CA LYS C 96 14.31 12.55 20.44
C LYS C 96 14.72 11.31 19.67
N ILE C 97 16.02 11.21 19.38
CA ILE C 97 16.51 10.01 18.70
C ILE C 97 16.58 8.90 19.76
N GLN C 98 15.96 7.76 19.45
CA GLN C 98 15.88 6.64 20.39
C GLN C 98 16.81 5.49 20.07
N ASN C 99 17.20 5.35 18.81
CA ASN C 99 18.07 4.24 18.44
C ASN C 99 18.78 4.52 17.13
N ILE C 100 20.04 4.13 17.05
CA ILE C 100 20.85 4.31 15.85
C ILE C 100 21.52 2.97 15.57
N VAL C 101 21.45 2.54 14.32
CA VAL C 101 22.04 1.28 13.86
C VAL C 101 23.16 1.57 12.85
N GLY C 102 24.29 0.88 13.02
CA GLY C 102 25.39 1.05 12.09
C GLY C 102 25.90 -0.30 11.61
N SER C 103 26.70 -0.32 10.56
CA SER C 103 27.28 -1.57 10.08
C SER C 103 28.63 -1.30 9.44
N CYS C 104 29.46 -2.33 9.38
CA CYS C 104 30.76 -2.19 8.74
C CYS C 104 31.32 -3.55 8.38
N ASP C 105 32.46 -3.53 7.70
CA ASP C 105 33.08 -4.76 7.21
C ASP C 105 34.59 -4.69 7.49
N VAL C 106 35.10 -5.62 8.29
CA VAL C 106 36.54 -5.64 8.59
C VAL C 106 37.33 -6.37 7.51
N LYS C 107 36.59 -6.93 6.55
CA LYS C 107 37.14 -7.64 5.40
C LYS C 107 38.06 -8.86 5.62
N PHE C 108 37.80 -9.59 6.70
CA PHE C 108 38.51 -10.83 6.98
C PHE C 108 37.56 -11.69 7.80
N PRO C 109 37.59 -13.02 7.58
CA PRO C 109 36.71 -13.95 8.30
C PRO C 109 36.99 -14.07 9.79
N ILE C 110 35.93 -14.37 10.54
CA ILE C 110 36.02 -14.47 11.99
C ILE C 110 35.75 -15.86 12.58
N ARG C 111 36.57 -16.25 13.56
CA ARG C 111 36.39 -17.52 14.24
C ARG C 111 35.41 -17.22 15.37
N LEU C 112 34.12 -17.25 15.04
CA LEU C 112 33.06 -16.95 16.00
C LEU C 112 33.02 -17.85 17.23
N GLU C 113 33.23 -19.15 17.05
CA GLU C 113 33.19 -20.06 18.19
C GLU C 113 34.25 -19.73 19.23
N GLY C 114 35.47 -19.49 18.77
CA GLY C 114 36.55 -19.16 19.68
C GLY C 114 36.33 -17.82 20.36
N LEU C 115 35.66 -16.90 19.67
CA LEU C 115 35.39 -15.59 20.21
C LEU C 115 34.35 -15.72 21.34
N ALA C 116 33.32 -16.53 21.07
CA ALA C 116 32.24 -16.74 22.04
C ALA C 116 32.73 -17.40 23.33
N PHE C 117 33.62 -18.38 23.20
CA PHE C 117 34.15 -19.06 24.37
C PHE C 117 34.98 -18.12 25.24
N SER C 118 35.84 -17.32 24.61
CA SER C 118 36.68 -16.39 25.36
C SER C 118 35.93 -15.23 26.00
N HIS C 119 34.82 -14.82 25.39
CA HIS C 119 34.03 -13.72 25.94
C HIS C 119 32.62 -14.21 26.24
N GLY C 120 32.55 -15.27 27.05
CA GLY C 120 31.29 -15.89 27.39
C GLY C 120 30.20 -15.08 28.06
N THR C 121 30.56 -14.13 28.91
CA THR C 121 29.53 -13.34 29.58
C THR C 121 28.91 -12.28 28.69
N PHE C 122 29.55 -11.96 27.57
CA PHE C 122 29.04 -10.95 26.64
C PHE C 122 28.51 -11.56 25.34
N SER C 123 28.85 -12.83 25.11
CA SER C 123 28.47 -13.48 23.87
C SER C 123 27.40 -14.56 23.89
N SER C 124 26.65 -14.62 22.78
N SER C 124 26.68 -14.61 22.78
CA SER C 124 25.58 -15.61 22.60
CA SER C 124 25.62 -15.58 22.56
C SER C 124 25.71 -16.10 21.16
C SER C 124 25.84 -16.08 21.14
N TYR C 125 26.09 -17.37 20.98
CA TYR C 125 26.28 -17.92 19.66
C TYR C 125 25.68 -19.31 19.54
N GLU C 126 24.57 -19.38 18.80
CA GLU C 126 23.85 -20.61 18.53
C GLU C 126 23.63 -20.60 17.03
N PRO C 127 24.67 -20.97 16.27
CA PRO C 127 24.60 -20.99 14.81
C PRO C 127 23.40 -21.69 14.16
N GLU C 128 22.83 -22.68 14.83
CA GLU C 128 21.69 -23.40 14.27
C GLU C 128 20.42 -22.54 14.36
N LEU C 129 20.46 -21.56 15.23
CA LEU C 129 19.33 -20.66 15.43
C LEU C 129 19.47 -19.40 14.58
N PHE C 130 20.62 -18.75 14.68
CA PHE C 130 20.95 -17.53 13.94
C PHE C 130 22.46 -17.60 13.69
N PRO C 131 22.91 -17.36 12.45
CA PRO C 131 24.35 -17.44 12.18
C PRO C 131 25.30 -16.39 12.75
N GLY C 132 24.76 -15.31 13.30
CA GLY C 132 25.63 -14.30 13.86
C GLY C 132 25.81 -14.41 15.36
N LEU C 133 26.97 -13.98 15.84
CA LEU C 133 27.26 -14.00 17.26
C LEU C 133 26.68 -12.69 17.83
N ILE C 134 25.90 -12.79 18.90
CA ILE C 134 25.29 -11.63 19.52
C ILE C 134 26.17 -11.20 20.69
N TYR C 135 26.81 -10.05 20.55
CA TYR C 135 27.72 -9.53 21.57
C TYR C 135 27.11 -8.34 22.31
N ARG C 136 26.90 -8.47 23.61
CA ARG C 136 26.33 -7.37 24.37
C ARG C 136 27.42 -6.61 25.12
N MET C 137 27.87 -5.52 24.51
CA MET C 137 28.92 -4.69 25.07
C MET C 137 28.42 -3.80 26.20
N VAL C 138 29.24 -3.68 27.24
CA VAL C 138 28.90 -2.90 28.41
C VAL C 138 29.20 -1.41 28.24
N LYS C 139 30.40 -1.09 27.78
CA LYS C 139 30.80 0.30 27.61
C LYS C 139 31.47 0.54 26.27
N PRO C 140 30.80 1.26 25.35
CA PRO C 140 29.47 1.85 25.52
C PRO C 140 28.43 0.72 25.53
N LYS C 141 27.19 1.02 25.92
CA LYS C 141 26.17 -0.04 25.95
C LYS C 141 25.60 -0.24 24.55
N ILE C 142 26.21 -1.17 23.81
CA ILE C 142 25.84 -1.45 22.44
C ILE C 142 25.77 -2.93 22.17
N VAL C 143 24.83 -3.35 21.32
CA VAL C 143 24.75 -4.76 20.95
C VAL C 143 25.29 -4.92 19.53
N LEU C 144 26.23 -5.84 19.37
CA LEU C 144 26.81 -6.09 18.05
C LEU C 144 26.44 -7.48 17.57
N LEU C 145 26.25 -7.60 16.26
CA LEU C 145 25.98 -8.88 15.62
C LEU C 145 27.23 -9.10 14.77
N ILE C 146 28.01 -10.11 15.15
CA ILE C 146 29.27 -10.40 14.46
C ILE C 146 29.13 -11.67 13.60
N PHE C 147 29.44 -11.56 12.33
CA PHE C 147 29.31 -12.69 11.41
C PHE C 147 30.64 -13.27 10.94
N VAL C 148 30.61 -14.51 10.49
CA VAL C 148 31.81 -15.18 10.03
C VAL C 148 32.52 -14.39 8.93
N SER C 149 31.73 -13.78 8.06
CA SER C 149 32.20 -12.99 6.94
C SER C 149 33.04 -11.77 7.30
N GLY C 150 32.95 -11.32 8.55
CA GLY C 150 33.66 -10.13 8.97
C GLY C 150 32.73 -8.92 8.91
N LYS C 151 31.48 -9.13 8.51
CA LYS C 151 30.50 -8.03 8.47
C LYS C 151 30.01 -7.86 9.90
N ILE C 152 29.80 -6.62 10.32
CA ILE C 152 29.36 -6.32 11.69
C ILE C 152 28.14 -5.40 11.73
N VAL C 153 27.20 -5.66 12.62
CA VAL C 153 26.04 -4.79 12.81
C VAL C 153 26.15 -4.27 14.24
N LEU C 154 25.90 -2.97 14.43
CA LEU C 154 25.97 -2.38 15.77
C LEU C 154 24.65 -1.63 16.01
N THR C 155 24.01 -1.86 17.16
CA THR C 155 22.75 -1.22 17.45
C THR C 155 22.55 -0.89 18.92
N GLY C 156 21.54 -0.05 19.19
CA GLY C 156 21.21 0.35 20.54
C GLY C 156 21.76 1.70 20.95
N ALA C 157 22.36 2.43 20.02
CA ALA C 157 22.93 3.74 20.34
C ALA C 157 21.93 4.88 20.39
N LYS C 158 22.21 5.84 21.28
CA LYS C 158 21.41 7.05 21.43
C LYS C 158 22.13 8.17 20.64
N GLN C 159 23.44 8.01 20.43
CA GLN C 159 24.19 8.99 19.63
C GLN C 159 25.23 8.24 18.80
N ARG C 160 25.55 8.73 17.62
CA ARG C 160 26.47 8.03 16.74
C ARG C 160 27.85 7.71 17.31
N GLU C 161 28.36 8.56 18.18
CA GLU C 161 29.68 8.30 18.77
C GLU C 161 29.72 6.96 19.51
N GLU C 162 28.57 6.50 20.01
CA GLU C 162 28.53 5.22 20.70
C GLU C 162 28.77 4.07 19.71
N ILE C 163 28.25 4.22 18.50
CA ILE C 163 28.47 3.22 17.46
C ILE C 163 29.98 3.19 17.16
N TYR C 164 30.56 4.38 16.99
CA TYR C 164 31.98 4.44 16.66
C TYR C 164 32.88 3.87 17.75
N GLN C 165 32.62 4.24 19.00
CA GLN C 165 33.42 3.73 20.10
C GLN C 165 33.27 2.22 20.30
N ALA C 166 32.07 1.70 20.08
CA ALA C 166 31.83 0.26 20.21
C ALA C 166 32.66 -0.49 19.17
N PHE C 167 32.71 0.01 17.93
CA PHE C 167 33.50 -0.67 16.91
C PHE C 167 34.99 -0.63 17.26
N GLU C 168 35.45 0.53 17.73
CA GLU C 168 36.85 0.67 18.09
C GLU C 168 37.22 -0.33 19.18
N ALA C 169 36.32 -0.51 20.14
CA ALA C 169 36.54 -1.44 21.24
C ALA C 169 36.54 -2.89 20.76
N ILE C 170 35.69 -3.22 19.79
CA ILE C 170 35.62 -4.59 19.30
C ILE C 170 36.67 -4.97 18.26
N TYR C 171 37.23 -3.99 17.55
CA TYR C 171 38.17 -4.32 16.49
C TYR C 171 39.35 -5.21 16.90
N PRO C 172 40.04 -4.87 18.00
CA PRO C 172 41.18 -5.70 18.44
C PRO C 172 40.74 -7.15 18.67
N VAL C 173 39.53 -7.33 19.21
CA VAL C 173 39.00 -8.65 19.48
C VAL C 173 38.75 -9.43 18.17
N LEU C 174 38.22 -8.73 17.17
CA LEU C 174 37.96 -9.38 15.89
C LEU C 174 39.28 -9.85 15.26
N SER C 175 40.29 -9.00 15.32
CA SER C 175 41.61 -9.32 14.77
C SER C 175 42.19 -10.51 15.52
N GLU C 176 41.96 -10.53 16.83
CA GLU C 176 42.47 -11.61 17.68
C GLU C 176 41.89 -12.95 17.23
N PHE C 177 40.66 -12.93 16.72
CA PHE C 177 40.03 -14.16 16.27
C PHE C 177 39.84 -14.26 14.76
N ARG C 178 40.77 -13.67 14.02
CA ARG C 178 40.71 -13.74 12.56
C ARG C 178 40.89 -15.20 12.15
N LYS C 179 40.24 -15.60 11.06
CA LYS C 179 40.31 -16.99 10.59
C LYS C 179 41.48 -17.27 9.63
N MET C 180 42.14 -18.41 9.84
CA MET C 180 43.27 -18.84 9.04
C MET C 180 44.28 -17.71 8.83
N ASN D 2 -12.66 -5.56 -26.95
CA ASN D 2 -12.33 -6.99 -27.22
C ASN D 2 -13.51 -7.91 -26.87
N ALA D 3 -13.52 -9.07 -27.52
CA ALA D 3 -14.57 -10.07 -27.33
C ALA D 3 -15.04 -10.30 -25.89
N GLU D 4 -14.11 -10.50 -24.97
CA GLU D 4 -14.48 -10.75 -23.59
C GLU D 4 -15.23 -9.58 -22.94
N ALA D 5 -14.69 -8.37 -23.09
CA ALA D 5 -15.31 -7.17 -22.49
C ALA D 5 -16.67 -6.85 -23.10
N SER D 6 -16.77 -6.88 -24.42
CA SER D 6 -18.05 -6.59 -25.07
C SER D 6 -19.05 -7.60 -24.56
N ARG D 7 -18.61 -8.85 -24.49
CA ARG D 7 -19.44 -9.95 -24.03
C ARG D 7 -19.89 -9.77 -22.58
N VAL D 8 -18.97 -9.37 -21.71
CA VAL D 8 -19.31 -9.17 -20.30
C VAL D 8 -20.36 -8.06 -20.19
N TYR D 9 -20.18 -6.97 -20.93
CA TYR D 9 -21.13 -5.86 -20.87
C TYR D 9 -22.51 -6.29 -21.34
N GLU D 10 -22.57 -7.13 -22.37
N GLU D 10 -22.56 -7.13 -22.36
CA GLU D 10 -23.86 -7.59 -22.88
CA GLU D 10 -23.83 -7.62 -22.89
C GLU D 10 -24.53 -8.46 -21.82
C GLU D 10 -24.51 -8.46 -21.83
N ILE D 11 -23.74 -9.30 -21.14
CA ILE D 11 -24.28 -10.15 -20.09
C ILE D 11 -24.84 -9.29 -18.96
N ILE D 12 -24.07 -8.30 -18.53
CA ILE D 12 -24.52 -7.41 -17.45
C ILE D 12 -25.83 -6.70 -17.78
N VAL D 13 -25.90 -6.10 -18.97
CA VAL D 13 -27.11 -5.39 -19.37
C VAL D 13 -28.31 -6.34 -19.44
N GLU D 14 -28.17 -7.46 -20.14
CA GLU D 14 -29.27 -8.42 -20.24
C GLU D 14 -29.69 -8.97 -18.87
N SER D 15 -28.72 -9.26 -17.99
CA SER D 15 -29.05 -9.79 -16.67
C SER D 15 -29.72 -8.76 -15.75
N VAL D 16 -29.24 -7.52 -15.82
CA VAL D 16 -29.83 -6.47 -14.98
C VAL D 16 -31.28 -6.23 -15.40
N VAL D 17 -31.48 -6.02 -16.70
CA VAL D 17 -32.82 -5.79 -17.24
C VAL D 17 -33.81 -6.90 -16.84
N ASN D 18 -33.39 -8.16 -16.98
CA ASN D 18 -34.28 -9.26 -16.63
C ASN D 18 -34.50 -9.40 -15.13
N GLU D 19 -33.50 -9.07 -14.32
CA GLU D 19 -33.64 -9.20 -12.88
C GLU D 19 -34.43 -8.08 -12.21
N VAL D 20 -34.53 -6.91 -12.85
CA VAL D 20 -35.27 -5.80 -12.25
C VAL D 20 -36.69 -5.70 -12.80
N ARG D 21 -37.12 -6.72 -13.54
CA ARG D 21 -38.48 -6.67 -14.08
C ARG D 21 -39.46 -6.87 -12.93
N GLU D 22 -39.05 -7.65 -11.93
CA GLU D 22 -39.88 -7.93 -10.76
C GLU D 22 -40.03 -6.69 -9.87
N ASP D 23 -38.94 -5.93 -9.73
CA ASP D 23 -38.98 -4.72 -8.91
C ASP D 23 -39.78 -3.66 -9.67
N PHE D 24 -39.66 -3.66 -10.99
CA PHE D 24 -40.37 -2.71 -11.85
C PHE D 24 -41.88 -2.97 -11.75
N GLU D 25 -42.26 -4.24 -11.82
CA GLU D 25 -43.66 -4.60 -11.75
C GLU D 25 -44.22 -4.33 -10.36
N ASN D 26 -43.39 -4.56 -9.33
CA ASN D 26 -43.85 -4.30 -7.97
C ASN D 26 -44.16 -2.83 -7.81
N ALA D 27 -43.52 -1.99 -8.62
CA ALA D 27 -43.76 -0.55 -8.60
C ALA D 27 -44.71 -0.17 -9.72
N GLY D 28 -45.20 -1.18 -10.44
CA GLY D 28 -46.15 -0.98 -11.53
C GLY D 28 -45.70 -0.03 -12.64
N ILE D 29 -44.41 -0.06 -12.95
CA ILE D 29 -43.82 0.84 -13.94
C ILE D 29 -44.24 0.86 -15.41
N ASP D 30 -43.97 -0.21 -16.15
CA ASP D 30 -44.27 -0.29 -17.59
C ASP D 30 -43.19 -1.14 -18.26
N GLU D 31 -43.58 -2.10 -19.09
CA GLU D 31 -42.59 -2.92 -19.79
C GLU D 31 -41.84 -2.06 -20.80
N GLN D 32 -42.55 -1.13 -21.45
CA GLN D 32 -41.91 -0.26 -22.43
C GLN D 32 -40.91 0.69 -21.77
N THR D 33 -41.14 0.99 -20.49
CA THR D 33 -40.22 1.88 -19.78
C THR D 33 -38.93 1.11 -19.51
N LEU D 34 -39.07 -0.17 -19.17
CA LEU D 34 -37.92 -1.02 -18.89
C LEU D 34 -37.07 -1.18 -20.15
N GLN D 35 -37.74 -1.30 -21.30
CA GLN D 35 -37.01 -1.42 -22.57
C GLN D 35 -36.29 -0.13 -22.92
N ASP D 36 -36.87 0.98 -22.48
CA ASP D 36 -36.27 2.29 -22.72
C ASP D 36 -34.99 2.42 -21.89
N LEU D 37 -35.03 1.95 -20.65
CA LEU D 37 -33.84 1.99 -19.79
C LEU D 37 -32.73 1.23 -20.50
N LYS D 38 -33.05 0.02 -20.92
CA LYS D 38 -32.08 -0.82 -21.63
C LYS D 38 -31.44 -0.10 -22.82
N ASN D 39 -32.26 0.52 -23.66
CA ASN D 39 -31.74 1.21 -24.84
C ASN D 39 -30.95 2.49 -24.59
N ILE D 40 -31.36 3.28 -23.61
CA ILE D 40 -30.64 4.50 -23.29
C ILE D 40 -29.26 4.11 -22.72
N TRP D 41 -29.28 3.10 -21.87
CA TRP D 41 -28.07 2.57 -21.24
C TRP D 41 -27.08 2.11 -22.32
N GLN D 42 -27.52 1.23 -23.21
CA GLN D 42 -26.63 0.75 -24.27
C GLN D 42 -26.13 1.88 -25.17
N LYS D 43 -26.99 2.87 -25.40
CA LYS D 43 -26.64 4.02 -26.22
C LYS D 43 -25.52 4.83 -25.58
N LYS D 44 -25.69 5.17 -24.31
CA LYS D 44 -24.69 5.94 -23.59
C LYS D 44 -23.40 5.14 -23.45
N LEU D 45 -23.52 3.82 -23.45
CA LEU D 45 -22.36 2.96 -23.35
C LEU D 45 -21.61 3.09 -24.67
N THR D 46 -22.37 3.09 -25.77
CA THR D 46 -21.82 3.22 -27.10
C THR D 46 -21.14 4.58 -27.29
N GLU D 47 -21.75 5.62 -26.75
CA GLU D 47 -21.19 6.96 -26.85
C GLU D 47 -19.81 7.03 -26.20
N ASP E 21 1.93 15.41 -4.68
CA ASP E 21 2.26 16.07 -3.38
C ASP E 21 1.96 15.17 -2.19
N TYR E 22 1.68 15.77 -1.03
CA TYR E 22 1.43 14.99 0.18
C TYR E 22 -0.02 14.87 0.63
N LEU E 23 -0.89 15.72 0.11
CA LEU E 23 -2.29 15.69 0.51
C LEU E 23 -3.22 15.35 -0.64
N ILE E 24 -4.33 14.71 -0.29
CA ILE E 24 -5.34 14.31 -1.26
C ILE E 24 -6.34 15.46 -1.42
N GLU E 34 -9.84 9.52 -17.65
CA GLU E 34 -9.09 8.86 -16.59
C GLU E 34 -8.99 7.35 -16.82
N ASN E 35 -7.81 6.80 -16.58
CA ASN E 35 -7.63 5.35 -16.70
C ASN E 35 -7.89 4.85 -15.30
N LEU E 36 -8.93 4.05 -15.15
CA LEU E 36 -9.35 3.56 -13.85
C LEU E 36 -9.66 2.06 -13.82
N MET E 37 -9.05 1.37 -12.87
CA MET E 37 -9.26 -0.06 -12.68
C MET E 37 -10.05 -0.23 -11.37
N LEU E 38 -11.16 -0.98 -11.43
CA LEU E 38 -12.03 -1.21 -10.28
C LEU E 38 -12.08 -2.72 -10.08
N CYS E 39 -11.71 -3.20 -8.90
CA CYS E 39 -11.65 -4.66 -8.71
C CYS E 39 -11.61 -5.03 -7.23
N LEU E 40 -11.24 -6.28 -6.96
CA LEU E 40 -11.12 -6.78 -5.58
C LEU E 40 -9.65 -7.12 -5.38
N TYR E 41 -9.17 -7.11 -4.14
CA TYR E 41 -7.79 -7.52 -3.88
C TYR E 41 -7.83 -8.76 -3.00
N ASP E 42 -6.94 -9.69 -3.29
CA ASP E 42 -6.80 -10.93 -2.53
C ASP E 42 -5.60 -10.74 -1.60
N LYS E 43 -4.58 -10.07 -2.11
CA LYS E 43 -3.35 -9.88 -1.33
C LYS E 43 -2.52 -8.69 -1.81
N VAL E 44 -1.94 -7.97 -0.87
CA VAL E 44 -1.07 -6.82 -1.15
C VAL E 44 0.17 -7.00 -0.26
N THR E 45 1.34 -7.03 -0.88
CA THR E 45 2.59 -7.20 -0.12
C THR E 45 3.60 -6.14 -0.52
N ARG E 46 4.61 -5.94 0.33
CA ARG E 46 5.65 -4.96 0.06
C ARG E 46 6.97 -5.37 0.72
N THR E 47 8.07 -5.23 -0.01
CA THR E 47 9.42 -5.49 0.51
C THR E 47 10.20 -4.27 0.04
N LYS E 48 10.73 -3.51 1.01
CA LYS E 48 11.44 -2.26 0.73
C LYS E 48 10.45 -1.39 -0.04
N ALA E 49 10.79 -0.95 -1.25
CA ALA E 49 9.84 -0.12 -2.00
C ALA E 49 9.12 -0.89 -3.11
N ARG E 50 9.26 -2.21 -3.10
CA ARG E 50 8.66 -3.05 -4.13
C ARG E 50 7.31 -3.61 -3.70
N TRP E 51 6.24 -3.15 -4.36
CA TRP E 51 4.88 -3.60 -4.03
C TRP E 51 4.36 -4.64 -5.03
N LYS E 52 3.58 -5.61 -4.52
CA LYS E 52 2.96 -6.63 -5.35
C LYS E 52 1.51 -6.78 -4.90
N CYS E 53 0.59 -6.77 -5.85
CA CYS E 53 -0.82 -6.89 -5.53
C CYS E 53 -1.46 -7.96 -6.40
N SER E 54 -2.22 -8.87 -5.78
CA SER E 54 -2.93 -9.93 -6.47
C SER E 54 -4.38 -9.46 -6.45
N LEU E 55 -4.91 -9.16 -7.64
CA LEU E 55 -6.25 -8.63 -7.76
C LEU E 55 -7.13 -9.60 -8.55
N LYS E 56 -8.44 -9.42 -8.46
CA LYS E 56 -9.37 -10.29 -9.18
C LYS E 56 -10.70 -9.59 -9.48
N ASP E 57 -11.48 -10.22 -10.36
CA ASP E 57 -12.82 -9.74 -10.72
C ASP E 57 -12.89 -8.23 -10.98
N GLY E 58 -12.23 -7.77 -12.02
CA GLY E 58 -12.25 -6.34 -12.27
C GLY E 58 -12.52 -5.88 -13.68
N VAL E 59 -12.64 -4.56 -13.80
CA VAL E 59 -12.86 -3.93 -15.07
C VAL E 59 -11.95 -2.71 -15.09
N VAL E 60 -11.36 -2.42 -16.24
CA VAL E 60 -10.48 -1.29 -16.34
C VAL E 60 -10.60 -0.63 -17.71
N THR E 61 -10.51 0.70 -17.70
CA THR E 61 -10.54 1.49 -18.92
C THR E 61 -9.13 2.06 -19.01
N ILE E 62 -8.46 1.78 -20.13
CA ILE E 62 -7.11 2.26 -20.37
C ILE E 62 -7.04 2.77 -21.80
N ASN E 63 -6.63 4.03 -21.95
CA ASN E 63 -6.51 4.65 -23.27
C ASN E 63 -7.82 4.52 -24.04
N ARG E 64 -8.93 4.76 -23.35
CA ARG E 64 -10.26 4.72 -23.93
C ARG E 64 -10.84 3.36 -24.36
N ASN E 65 -10.18 2.27 -23.96
CA ASN E 65 -10.67 0.91 -24.27
C ASN E 65 -10.91 0.20 -22.95
N ASP E 66 -11.89 -0.70 -22.91
CA ASP E 66 -12.23 -1.42 -21.68
C ASP E 66 -11.82 -2.89 -21.67
N TYR E 67 -11.41 -3.36 -20.50
CA TYR E 67 -10.98 -4.74 -20.32
C TYR E 67 -11.58 -5.28 -19.03
N THR E 68 -12.03 -6.52 -19.07
CA THR E 68 -12.56 -7.14 -17.87
C THR E 68 -11.55 -8.22 -17.56
N PHE E 69 -11.40 -8.61 -16.30
CA PHE E 69 -10.42 -9.63 -15.99
C PHE E 69 -10.73 -10.46 -14.78
N GLN E 70 -10.29 -11.71 -14.82
CA GLN E 70 -10.49 -12.66 -13.74
C GLN E 70 -9.40 -12.40 -12.70
N LYS E 71 -8.17 -12.20 -13.18
CA LYS E 71 -7.03 -11.95 -12.28
C LYS E 71 -6.12 -10.87 -12.82
N ALA E 72 -5.42 -10.21 -11.92
CA ALA E 72 -4.46 -9.20 -12.31
C ALA E 72 -3.35 -9.18 -11.27
N GLN E 73 -2.10 -9.07 -11.73
N GLN E 73 -2.10 -9.08 -11.72
CA GLN E 73 -0.96 -9.02 -10.84
CA GLN E 73 -0.97 -9.01 -10.81
C GLN E 73 -0.25 -7.67 -11.04
C GLN E 73 -0.26 -7.69 -11.03
N VAL E 74 -0.06 -6.93 -9.97
CA VAL E 74 0.61 -5.65 -10.07
C VAL E 74 1.98 -5.73 -9.42
N GLU E 75 3.00 -5.21 -10.10
N GLU E 75 2.99 -5.20 -10.10
CA GLU E 75 4.36 -5.15 -9.57
CA GLU E 75 4.35 -5.14 -9.56
C GLU E 75 4.82 -3.70 -9.80
C GLU E 75 4.80 -3.71 -9.79
N ALA E 76 4.90 -2.93 -8.72
CA ALA E 76 5.30 -1.52 -8.85
C ALA E 76 6.29 -1.06 -7.79
N GLU E 77 7.22 -0.22 -8.20
CA GLU E 77 8.24 0.33 -7.32
C GLU E 77 7.87 1.75 -6.89
N TRP E 78 7.85 1.99 -5.57
CA TRP E 78 7.51 3.29 -5.01
C TRP E 78 8.83 4.07 -4.83
N VAL E 79 9.29 4.72 -5.89
CA VAL E 79 10.55 5.46 -5.82
C VAL E 79 10.47 6.77 -6.61
N GLY F 4 -25.33 -6.74 0.40
CA GLY F 4 -23.90 -6.97 0.78
C GLY F 4 -22.96 -6.96 -0.41
N TYR F 5 -23.16 -6.04 -1.35
CA TYR F 5 -22.28 -5.96 -2.52
C TYR F 5 -21.67 -4.56 -2.63
N TYR F 6 -20.39 -4.50 -2.99
CA TYR F 6 -19.71 -3.21 -3.14
C TYR F 6 -20.32 -2.39 -4.25
N GLU F 7 -20.33 -1.07 -4.07
CA GLU F 7 -20.89 -0.17 -5.08
C GLU F 7 -19.81 0.41 -6.00
N LEU F 8 -18.55 -0.01 -5.81
CA LEU F 8 -17.46 0.55 -6.61
C LEU F 8 -17.57 0.46 -8.12
N TYR F 9 -18.21 -0.59 -8.64
CA TYR F 9 -18.34 -0.73 -10.08
C TYR F 9 -19.24 0.31 -10.74
N ARG F 10 -20.00 1.06 -9.94
CA ARG F 10 -20.86 2.09 -10.50
C ARG F 10 -20.00 3.18 -11.16
N ARG F 11 -18.71 3.19 -10.83
CA ARG F 11 -17.77 4.16 -11.38
C ARG F 11 -17.14 3.71 -12.71
N SER F 12 -17.43 2.47 -13.13
CA SER F 12 -16.90 1.97 -14.39
C SER F 12 -17.69 2.60 -15.53
N THR F 13 -17.24 2.38 -16.75
CA THR F 13 -17.94 2.92 -17.91
C THR F 13 -19.37 2.39 -17.96
N ILE F 14 -19.55 1.09 -17.73
CA ILE F 14 -20.91 0.54 -17.80
C ILE F 14 -21.77 1.03 -16.64
N GLY F 15 -21.15 1.20 -15.48
CA GLY F 15 -21.87 1.69 -14.33
C GLY F 15 -22.30 3.15 -14.52
N ASN F 16 -21.38 3.98 -15.00
CA ASN F 16 -21.68 5.40 -15.21
C ASN F 16 -22.82 5.58 -16.21
N SER F 17 -22.81 4.74 -17.25
CA SER F 17 -23.84 4.78 -18.28
C SER F 17 -25.22 4.43 -17.73
N LEU F 18 -25.26 3.47 -16.82
CA LEU F 18 -26.51 3.06 -16.19
C LEU F 18 -27.03 4.18 -15.30
N VAL F 19 -26.15 4.77 -14.49
CA VAL F 19 -26.56 5.88 -13.62
C VAL F 19 -27.16 7.02 -14.44
N ASP F 20 -26.47 7.39 -15.51
CA ASP F 20 -26.96 8.47 -16.36
C ASP F 20 -28.30 8.13 -16.99
N ALA F 21 -28.47 6.87 -17.41
CA ALA F 21 -29.72 6.44 -18.01
C ALA F 21 -30.85 6.54 -16.99
N LEU F 22 -30.61 6.06 -15.77
CA LEU F 22 -31.62 6.10 -14.73
C LEU F 22 -31.99 7.56 -14.41
N ASP F 23 -30.98 8.41 -14.31
CA ASP F 23 -31.20 9.83 -14.02
C ASP F 23 -32.09 10.48 -15.09
N THR F 24 -31.91 10.06 -16.34
CA THR F 24 -32.70 10.61 -17.44
C THR F 24 -34.18 10.25 -17.30
N LEU F 25 -34.45 8.99 -16.93
CA LEU F 25 -35.83 8.55 -16.76
C LEU F 25 -36.47 9.27 -15.57
N ILE F 26 -35.68 9.48 -14.52
CA ILE F 26 -36.19 10.18 -13.36
C ILE F 26 -36.56 11.60 -13.78
N SER F 27 -35.65 12.25 -14.51
CA SER F 27 -35.88 13.61 -14.98
C SER F 27 -37.10 13.74 -15.88
N ASP F 28 -37.41 12.68 -16.64
CA ASP F 28 -38.57 12.73 -17.52
C ASP F 28 -39.81 12.30 -16.75
N GLY F 29 -39.63 12.07 -15.45
CA GLY F 29 -40.74 11.66 -14.59
C GLY F 29 -41.31 10.28 -14.91
N ARG F 30 -40.47 9.37 -15.39
CA ARG F 30 -40.93 8.03 -15.76
C ARG F 30 -40.73 6.95 -14.69
N ILE F 31 -39.74 7.15 -13.82
CA ILE F 31 -39.53 6.22 -12.72
C ILE F 31 -39.10 7.07 -11.54
N GLU F 32 -39.17 6.53 -10.34
CA GLU F 32 -38.79 7.26 -9.15
C GLU F 32 -37.40 6.84 -8.71
N ALA F 33 -36.75 7.67 -7.90
CA ALA F 33 -35.42 7.41 -7.41
C ALA F 33 -35.37 6.12 -6.60
N SER F 34 -36.49 5.74 -6.00
CA SER F 34 -36.51 4.53 -5.19
C SER F 34 -36.28 3.30 -6.06
N LEU F 35 -36.84 3.30 -7.27
CA LEU F 35 -36.67 2.17 -8.18
C LEU F 35 -35.27 2.18 -8.75
N ALA F 36 -34.76 3.37 -9.06
CA ALA F 36 -33.39 3.50 -9.59
C ALA F 36 -32.41 2.92 -8.58
N MET F 37 -32.66 3.15 -7.29
CA MET F 37 -31.78 2.62 -6.26
C MET F 37 -31.80 1.09 -6.26
N ARG F 38 -32.98 0.51 -6.44
CA ARG F 38 -33.08 -0.95 -6.49
C ARG F 38 -32.39 -1.48 -7.75
N VAL F 39 -32.49 -0.74 -8.84
CA VAL F 39 -31.84 -1.14 -10.08
C VAL F 39 -30.32 -1.11 -9.89
N LEU F 40 -29.81 -0.09 -9.21
CA LEU F 40 -28.39 0.03 -8.99
C LEU F 40 -27.87 -1.04 -8.05
N GLU F 41 -28.69 -1.41 -7.07
CA GLU F 41 -28.33 -2.47 -6.14
C GLU F 41 -28.23 -3.81 -6.89
N THR F 42 -29.10 -4.01 -7.87
CA THR F 42 -29.09 -5.23 -8.67
C THR F 42 -27.85 -5.21 -9.57
N PHE F 43 -27.54 -4.04 -10.13
CA PHE F 43 -26.35 -3.89 -10.97
C PHE F 43 -25.12 -4.28 -10.14
N ASP F 44 -25.03 -3.78 -8.90
CA ASP F 44 -23.88 -4.10 -8.05
C ASP F 44 -23.67 -5.61 -7.94
N LYS F 45 -24.76 -6.34 -7.76
CA LYS F 45 -24.72 -7.79 -7.64
C LYS F 45 -24.38 -8.47 -8.98
N VAL F 46 -25.04 -8.06 -10.05
CA VAL F 46 -24.80 -8.64 -11.38
C VAL F 46 -23.37 -8.42 -11.86
N VAL F 47 -22.82 -7.23 -11.65
CA VAL F 47 -21.45 -7.00 -12.07
C VAL F 47 -20.51 -7.91 -11.27
N ALA F 48 -20.72 -7.98 -9.95
CA ALA F 48 -19.88 -8.85 -9.12
C ALA F 48 -19.91 -10.30 -9.59
N GLU F 49 -21.11 -10.82 -9.86
CA GLU F 49 -21.23 -12.20 -10.29
C GLU F 49 -20.70 -12.42 -11.70
N THR F 50 -20.86 -11.44 -12.58
CA THR F 50 -20.37 -11.58 -13.96
C THR F 50 -18.85 -11.51 -14.04
N LEU F 51 -18.24 -10.62 -13.26
CA LEU F 51 -16.79 -10.50 -13.29
C LEU F 51 -16.13 -11.74 -12.67
N LYS F 52 -16.84 -12.39 -11.76
CA LYS F 52 -16.32 -13.61 -11.13
C LYS F 52 -16.47 -14.83 -12.03
N ASP F 53 -17.65 -15.00 -12.62
CA ASP F 53 -17.93 -16.18 -13.44
C ASP F 53 -17.74 -16.10 -14.95
N ASN F 54 -17.74 -14.89 -15.50
CA ASN F 54 -17.62 -14.74 -16.94
C ASN F 54 -16.35 -14.10 -17.50
N THR F 55 -15.27 -14.12 -16.72
CA THR F 55 -14.01 -13.56 -17.21
C THR F 55 -12.97 -14.64 -17.10
N GLN F 56 -11.95 -14.58 -17.95
CA GLN F 56 -10.89 -15.58 -17.89
C GLN F 56 -9.53 -14.93 -18.06
N SER F 57 -9.49 -13.74 -18.66
CA SER F 57 -8.22 -13.05 -18.88
C SER F 57 -7.45 -12.70 -17.62
N LYS F 58 -6.13 -12.63 -17.77
CA LYS F 58 -5.24 -12.29 -16.67
C LYS F 58 -4.42 -11.11 -17.13
N LEU F 59 -4.32 -10.09 -16.28
CA LEU F 59 -3.54 -8.91 -16.62
C LEU F 59 -2.33 -8.81 -15.71
N THR F 60 -1.27 -8.20 -16.22
CA THR F 60 -0.09 -7.96 -15.44
C THR F 60 0.15 -6.46 -15.56
N VAL F 61 0.37 -5.80 -14.44
CA VAL F 61 0.59 -4.37 -14.47
C VAL F 61 1.95 -4.08 -13.86
N LYS F 62 2.80 -3.40 -14.62
CA LYS F 62 4.14 -3.08 -14.13
C LYS F 62 4.47 -1.61 -14.36
N GLY F 63 4.98 -0.95 -13.33
CA GLY F 63 5.31 0.46 -13.48
C GLY F 63 5.80 1.06 -12.18
N ASN F 64 5.82 2.38 -12.13
CA ASN F 64 6.24 3.11 -10.93
C ASN F 64 5.03 3.34 -10.02
N LEU F 65 5.16 3.09 -8.73
CA LEU F 65 4.03 3.36 -7.84
C LEU F 65 4.16 4.81 -7.37
N ASP F 66 3.26 5.65 -7.86
CA ASP F 66 3.27 7.05 -7.52
C ASP F 66 2.71 7.26 -6.12
N THR F 67 1.54 6.70 -5.86
CA THR F 67 0.92 6.83 -4.53
C THR F 67 0.16 5.56 -4.20
N TYR F 68 -0.06 5.36 -2.91
CA TYR F 68 -0.84 4.21 -2.44
C TYR F 68 -1.58 4.67 -1.20
N GLY F 69 -2.61 3.93 -0.83
CA GLY F 69 -3.33 4.27 0.38
C GLY F 69 -4.25 3.14 0.75
N PHE F 70 -4.47 2.97 2.05
CA PHE F 70 -5.41 1.95 2.52
C PHE F 70 -6.22 2.56 3.65
N CYS F 71 -7.54 2.36 3.57
CA CYS F 71 -8.43 2.80 4.62
C CYS F 71 -9.79 2.14 4.38
N ASP F 72 -10.43 1.69 5.45
CA ASP F 72 -11.74 1.05 5.36
C ASP F 72 -11.85 -0.07 4.34
N ASP F 73 -10.94 -1.05 4.42
CA ASP F 73 -10.94 -2.20 3.51
C ASP F 73 -10.78 -1.89 2.03
N VAL F 74 -10.23 -0.73 1.71
CA VAL F 74 -10.02 -0.38 0.31
C VAL F 74 -8.58 0.06 0.04
N TRP F 75 -7.95 -0.54 -0.97
CA TRP F 75 -6.60 -0.17 -1.35
C TRP F 75 -6.75 0.70 -2.60
N THR F 76 -6.03 1.82 -2.63
CA THR F 76 -6.05 2.70 -3.79
C THR F 76 -4.62 2.89 -4.25
N PHE F 77 -4.34 2.70 -5.54
CA PHE F 77 -2.98 2.89 -6.02
C PHE F 77 -2.96 3.75 -7.28
N ILE F 78 -1.91 4.55 -7.43
N ILE F 78 -1.92 4.56 -7.44
CA ILE F 78 -1.74 5.35 -8.64
CA ILE F 78 -1.78 5.36 -8.66
C ILE F 78 -0.42 4.87 -9.21
C ILE F 78 -0.44 4.90 -9.23
N VAL F 79 -0.48 4.23 -10.37
CA VAL F 79 0.72 3.71 -11.00
C VAL F 79 1.01 4.55 -12.23
N LYS F 80 2.25 4.98 -12.38
CA LYS F 80 2.62 5.82 -13.53
C LYS F 80 3.57 5.10 -14.49
N ASN F 81 3.59 5.56 -15.75
CA ASN F 81 4.42 4.95 -16.78
C ASN F 81 4.39 3.43 -16.69
N CYS F 82 3.21 2.85 -16.81
CA CYS F 82 3.19 1.41 -16.70
C CYS F 82 2.87 0.69 -17.99
N GLN F 83 3.14 -0.61 -17.98
CA GLN F 83 2.84 -1.48 -19.11
C GLN F 83 1.83 -2.50 -18.59
N VAL F 84 0.76 -2.68 -19.33
CA VAL F 84 -0.27 -3.62 -18.97
C VAL F 84 -0.25 -4.74 -19.99
N THR F 85 -0.04 -5.96 -19.53
CA THR F 85 -0.03 -7.10 -20.42
C THR F 85 -1.35 -7.83 -20.29
N VAL F 86 -2.00 -8.05 -21.42
CA VAL F 86 -3.28 -8.73 -21.43
C VAL F 86 -3.13 -10.11 -22.06
N GLU F 87 -3.50 -11.15 -21.32
CA GLU F 87 -3.43 -12.49 -21.87
C GLU F 87 -4.71 -13.27 -21.58
N ASP F 88 -5.12 -14.06 -22.55
CA ASP F 88 -6.33 -14.86 -22.45
C ASP F 88 -5.99 -16.34 -22.46
N GLN F 102 -0.62 -11.60 -25.75
CA GLN F 102 0.22 -11.05 -26.86
C GLN F 102 0.03 -9.54 -26.99
N SER F 103 -0.78 -8.97 -26.10
CA SER F 103 -1.05 -7.54 -26.15
C SER F 103 -0.44 -6.76 -24.99
N VAL F 104 0.43 -5.81 -25.32
CA VAL F 104 1.09 -4.97 -24.32
C VAL F 104 0.67 -3.52 -24.51
N ILE F 105 0.00 -2.98 -23.51
CA ILE F 105 -0.51 -1.62 -23.52
C ILE F 105 0.23 -0.72 -22.53
N SER F 106 0.56 0.50 -22.94
CA SER F 106 1.26 1.45 -22.09
C SER F 106 0.33 2.55 -21.63
N VAL F 107 0.45 2.92 -20.36
CA VAL F 107 -0.41 3.93 -19.78
C VAL F 107 0.41 4.92 -18.96
N ASP F 108 0.18 6.22 -19.16
CA ASP F 108 0.89 7.26 -18.41
C ASP F 108 0.51 7.24 -16.93
N LYS F 109 -0.79 7.13 -16.65
CA LYS F 109 -1.27 7.13 -15.26
C LYS F 109 -2.50 6.23 -15.12
N LEU F 110 -2.45 5.31 -14.17
CA LEU F 110 -3.56 4.38 -13.94
C LEU F 110 -3.93 4.42 -12.46
N ARG F 111 -5.20 4.64 -12.17
CA ARG F 111 -5.70 4.63 -10.80
C ARG F 111 -6.33 3.27 -10.56
N ILE F 112 -5.97 2.62 -9.46
CA ILE F 112 -6.55 1.33 -9.13
C ILE F 112 -7.27 1.45 -7.80
N VAL F 113 -8.54 1.05 -7.77
CA VAL F 113 -9.31 1.06 -6.53
C VAL F 113 -9.73 -0.39 -6.31
N ALA F 114 -9.31 -0.98 -5.19
CA ALA F 114 -9.63 -2.37 -4.91
C ALA F 114 -10.26 -2.60 -3.56
N CYS F 115 -11.39 -3.31 -3.55
CA CYS F 115 -12.09 -3.63 -2.31
C CYS F 115 -11.70 -5.04 -1.87
N ASN F 116 -11.71 -5.28 -0.56
CA ASN F 116 -11.33 -6.59 0.00
C ASN F 116 -12.19 -7.72 -0.58
N SER F 117 -11.55 -8.74 -1.15
CA SER F 117 -12.33 -9.84 -1.71
C SER F 117 -13.13 -10.53 -0.60
N LYS F 118 -12.65 -10.39 0.63
CA LYS F 118 -13.32 -10.93 1.81
C LYS F 118 -14.14 -9.76 2.37
N LYS F 119 -15.44 -9.78 2.11
CA LYS F 119 -16.33 -8.70 2.53
C LYS F 119 -16.82 -8.77 3.98
N SER F 120 -17.06 -7.60 4.56
CA SER F 120 -17.53 -7.48 5.94
C SER F 120 -18.83 -6.68 5.98
#